data_5WXY
#
_entry.id   5WXY
#
_cell.length_a   128.482
_cell.length_b   128.482
_cell.length_c   45.143
_cell.angle_alpha   90.00
_cell.angle_beta   90.00
_cell.angle_gamma   120.00
#
_symmetry.space_group_name_H-M   'P 32 2 1'
#
loop_
_entity.id
_entity.type
_entity.pdbx_description
1 polymer McyF
2 non-polymer 'ASPARTIC ACID'
3 water water
#
_entity_poly.entity_id   1
_entity_poly.type   'polypeptide(L)'
_entity_poly.pdbx_seq_one_letter_code
;MGHHHHHHMMKTKLPILGVLGGMGPVVTAEFLKSIYEYNPFIDKEQESPNVIVFSFPSAPDRTGSIDSGKEREFIDFIQV
NLEHLNKLADCIVIGSCTAHYALPQIPENLKDKLISLIKIADQELQEYNEPTLLLASTGTYQKKLFQEGCTTADLIISLS
ESDQKLIHEMIYKVLKRGHDPLSILRDIEALLEKYNTRSYISGSTEFHLLTKSLKLKGIDSIKAIDPLSTIAQNFSQLII
KQAQVDLVTDCHQPSNPKSP
;
_entity_poly.pdbx_strand_id   A
#
# COMPACT_ATOMS: atom_id res chain seq x y z
N LEU A 14 -16.17 -12.56 -16.00
CA LEU A 14 -15.01 -12.81 -15.07
C LEU A 14 -14.58 -11.55 -14.30
N PRO A 15 -14.17 -11.71 -13.03
CA PRO A 15 -13.92 -10.52 -12.22
C PRO A 15 -12.55 -9.87 -12.54
N ILE A 16 -12.59 -8.55 -12.81
CA ILE A 16 -11.41 -7.74 -13.16
C ILE A 16 -11.04 -6.79 -12.01
N LEU A 17 -9.79 -6.87 -11.56
CA LEU A 17 -9.23 -5.85 -10.65
C LEU A 17 -8.63 -4.70 -11.46
N GLY A 18 -9.00 -3.48 -11.13
CA GLY A 18 -8.39 -2.27 -11.69
C GLY A 18 -7.43 -1.64 -10.67
N VAL A 19 -6.19 -1.40 -11.08
CA VAL A 19 -5.17 -0.84 -10.19
C VAL A 19 -4.80 0.57 -10.64
N LEU A 20 -5.07 1.56 -9.79
CA LEU A 20 -4.58 2.92 -10.02
C LEU A 20 -3.22 3.05 -9.32
N GLY A 21 -2.15 2.91 -10.08
CA GLY A 21 -0.80 2.85 -9.54
C GLY A 21 0.12 3.82 -10.24
N GLY A 22 1.39 3.45 -10.28
CA GLY A 22 2.46 4.36 -10.63
C GLY A 22 2.86 5.24 -9.45
N MET A 23 2.53 4.82 -8.22
CA MET A 23 2.71 5.64 -7.02
C MET A 23 3.33 4.83 -5.88
N GLY A 24 4.56 4.33 -6.03
CA GLY A 24 5.39 4.50 -7.23
C GLY A 24 5.30 3.37 -8.25
N PRO A 25 5.98 3.54 -9.41
CA PRO A 25 5.95 2.54 -10.48
C PRO A 25 6.63 1.20 -10.15
N VAL A 26 7.72 1.24 -9.38
CA VAL A 26 8.47 0.02 -9.05
C VAL A 26 7.56 -0.93 -8.26
N VAL A 27 6.93 -0.41 -7.20
CA VAL A 27 6.05 -1.22 -6.37
C VAL A 27 4.78 -1.66 -7.09
N THR A 28 4.27 -0.83 -7.99
CA THR A 28 3.15 -1.19 -8.86
C THR A 28 3.47 -2.45 -9.71
N ALA A 29 4.67 -2.48 -10.30
CA ALA A 29 5.06 -3.61 -11.14
C ALA A 29 5.22 -4.86 -10.30
N GLU A 30 5.81 -4.72 -9.12
CA GLU A 30 6.00 -5.83 -8.20
C GLU A 30 4.67 -6.38 -7.67
N PHE A 31 3.72 -5.49 -7.42
CA PHE A 31 2.37 -5.87 -7.01
C PHE A 31 1.69 -6.74 -8.05
N LEU A 32 1.79 -6.35 -9.31
CA LEU A 32 1.26 -7.16 -10.42
C LEU A 32 1.94 -8.53 -10.49
N LYS A 33 3.24 -8.56 -10.21
CA LYS A 33 3.98 -9.81 -10.13
C LYS A 33 3.46 -10.67 -8.97
N SER A 34 3.23 -10.05 -7.81
CA SER A 34 2.71 -10.75 -6.62
C SER A 34 1.36 -11.40 -6.88
N ILE A 35 0.50 -10.72 -7.64
CA ILE A 35 -0.81 -11.25 -7.95
C ILE A 35 -0.67 -12.65 -8.57
N TYR A 36 0.18 -12.78 -9.58
CA TYR A 36 0.36 -14.06 -10.26
C TYR A 36 1.27 -15.04 -9.51
N GLU A 37 2.18 -14.54 -8.68
CA GLU A 37 2.96 -15.41 -7.78
C GLU A 37 2.11 -16.14 -6.74
N TYR A 38 1.16 -15.43 -6.14
CA TYR A 38 0.29 -16.02 -5.10
C TYR A 38 -1.03 -16.59 -5.64
N ASN A 39 -1.25 -16.50 -6.96
CA ASN A 39 -2.37 -17.17 -7.62
C ASN A 39 -1.91 -17.98 -8.82
N PRO A 40 -0.97 -18.92 -8.61
CA PRO A 40 -0.51 -19.75 -9.72
C PRO A 40 -1.65 -20.63 -10.21
N PHE A 41 -1.78 -20.76 -11.53
CA PHE A 41 -2.78 -21.64 -12.13
C PHE A 41 -2.46 -23.13 -11.90
N ILE A 42 -3.51 -23.96 -12.03
CA ILE A 42 -3.40 -25.41 -11.87
C ILE A 42 -3.07 -26.07 -13.21
N ASP A 43 -3.89 -25.82 -14.22
CA ASP A 43 -3.77 -26.47 -15.53
C ASP A 43 -3.50 -25.47 -16.65
N LYS A 44 -4.38 -24.48 -16.76
CA LYS A 44 -4.34 -23.47 -17.80
C LYS A 44 -4.21 -22.05 -17.21
N GLU A 45 -3.49 -21.18 -17.94
CA GLU A 45 -3.38 -19.74 -17.63
C GLU A 45 -4.71 -19.03 -17.54
N GLN A 46 -5.70 -19.54 -18.28
CA GLN A 46 -7.03 -18.94 -18.35
C GLN A 46 -7.70 -18.84 -16.97
N GLU A 47 -7.23 -19.64 -16.01
CA GLU A 47 -7.64 -19.54 -14.61
C GLU A 47 -7.20 -18.23 -13.91
N SER A 48 -6.08 -17.65 -14.32
CA SER A 48 -5.35 -16.64 -13.55
C SER A 48 -6.09 -15.28 -13.45
N PRO A 49 -5.74 -14.47 -12.43
CA PRO A 49 -6.37 -13.14 -12.22
C PRO A 49 -6.39 -12.20 -13.43
N ASN A 50 -7.51 -11.55 -13.64
CA ASN A 50 -7.63 -10.51 -14.67
C ASN A 50 -7.46 -9.14 -14.05
N VAL A 51 -6.48 -8.38 -14.56
CA VAL A 51 -6.02 -7.17 -13.92
C VAL A 51 -5.80 -6.08 -14.97
N ILE A 52 -6.27 -4.86 -14.65
CA ILE A 52 -5.95 -3.67 -15.43
C ILE A 52 -5.10 -2.79 -14.53
N VAL A 53 -3.93 -2.37 -15.02
CA VAL A 53 -3.02 -1.51 -14.27
C VAL A 53 -2.82 -0.20 -15.01
N PHE A 54 -3.20 0.91 -14.37
CA PHE A 54 -2.83 2.26 -14.81
C PHE A 54 -1.60 2.62 -13.99
N SER A 55 -0.41 2.47 -14.58
CA SER A 55 0.83 2.88 -13.91
C SER A 55 1.26 4.24 -14.43
N PHE A 56 0.80 5.27 -13.74
CA PHE A 56 1.05 6.67 -14.10
C PHE A 56 1.93 7.36 -13.07
N PRO A 57 3.27 7.24 -13.20
CA PRO A 57 4.18 8.00 -12.34
C PRO A 57 4.01 9.51 -12.43
N SER A 58 3.54 10.03 -13.56
CA SER A 58 3.24 11.46 -13.75
C SER A 58 2.19 12.06 -12.80
N ALA A 59 1.48 11.22 -12.05
CA ALA A 59 0.69 11.69 -10.90
C ALA A 59 1.56 12.56 -10.01
N PRO A 60 1.05 13.71 -9.55
CA PRO A 60 1.87 14.56 -8.64
C PRO A 60 2.24 13.82 -7.36
N ASP A 61 3.45 14.04 -6.83
CA ASP A 61 3.86 13.40 -5.57
C ASP A 61 2.80 13.66 -4.49
N ARG A 62 2.53 12.62 -3.70
CA ARG A 62 1.37 12.62 -2.79
C ARG A 62 1.64 13.47 -1.56
N THR A 63 2.79 13.23 -0.92
CA THR A 63 3.27 14.06 0.18
C THR A 63 3.55 15.49 -0.33
N GLY A 64 4.18 15.58 -1.51
CA GLY A 64 4.45 16.86 -2.18
C GLY A 64 3.22 17.74 -2.39
N SER A 65 2.09 17.13 -2.77
CA SER A 65 0.84 17.86 -2.97
C SER A 65 0.23 18.39 -1.66
N ILE A 66 0.53 17.72 -0.54
CA ILE A 66 0.11 18.16 0.80
C ILE A 66 0.99 19.32 1.28
N ASP A 67 2.31 19.15 1.15
CA ASP A 67 3.30 20.16 1.58
C ASP A 67 3.26 21.49 0.79
N SER A 68 2.77 21.47 -0.45
CA SER A 68 2.42 22.69 -1.19
C SER A 68 0.89 22.89 -1.14
N GLY A 69 0.38 23.88 -1.87
CA GLY A 69 -1.06 24.13 -1.90
C GLY A 69 -1.89 23.11 -2.67
N LYS A 70 -1.27 22.45 -3.66
CA LYS A 70 -2.00 21.84 -4.79
C LYS A 70 -2.55 20.43 -4.56
N GLU A 71 -3.47 20.30 -3.62
CA GLU A 71 -4.19 19.06 -3.40
C GLU A 71 -5.28 18.85 -4.46
N ARG A 72 -5.83 19.95 -4.98
CA ARG A 72 -6.85 19.91 -6.03
C ARG A 72 -6.35 19.21 -7.29
N GLU A 73 -5.13 19.54 -7.69
CA GLU A 73 -4.48 18.92 -8.84
C GLU A 73 -4.44 17.39 -8.67
N PHE A 74 -4.04 16.94 -7.48
CA PHE A 74 -3.95 15.51 -7.19
C PHE A 74 -5.29 14.80 -7.10
N ILE A 75 -6.29 15.45 -6.50
CA ILE A 75 -7.63 14.85 -6.39
C ILE A 75 -8.26 14.66 -7.78
N ASP A 76 -7.99 15.60 -8.69
CA ASP A 76 -8.47 15.51 -10.07
C ASP A 76 -7.90 14.28 -10.76
N PHE A 77 -6.59 14.08 -10.63
CA PHE A 77 -5.92 12.88 -11.17
C PHE A 77 -6.65 11.59 -10.74
N ILE A 78 -6.84 11.46 -9.42
CA ILE A 78 -7.52 10.30 -8.84
C ILE A 78 -8.97 10.19 -9.34
N GLN A 79 -9.69 11.31 -9.39
CA GLN A 79 -11.10 11.31 -9.83
C GLN A 79 -11.28 10.87 -11.29
N VAL A 80 -10.45 11.40 -12.18
CA VAL A 80 -10.53 11.07 -13.61
C VAL A 80 -10.28 9.57 -13.81
N ASN A 81 -9.20 9.08 -13.20
CA ASN A 81 -8.81 7.67 -13.36
C ASN A 81 -9.73 6.69 -12.65
N LEU A 82 -10.36 7.13 -11.57
CA LEU A 82 -11.44 6.33 -10.96
C LEU A 82 -12.64 6.20 -11.90
N GLU A 83 -12.98 7.27 -12.64
CA GLU A 83 -14.04 7.21 -13.66
C GLU A 83 -13.70 6.19 -14.75
N HIS A 84 -12.46 6.21 -15.25
CA HIS A 84 -12.01 5.23 -16.24
C HIS A 84 -12.15 3.79 -15.73
N LEU A 85 -11.57 3.52 -14.55
CA LEU A 85 -11.50 2.17 -14.00
C LEU A 85 -12.86 1.65 -13.53
N ASN A 86 -13.74 2.55 -13.09
CA ASN A 86 -15.14 2.18 -12.78
C ASN A 86 -15.86 1.49 -13.93
N LYS A 87 -15.62 1.96 -15.15
CA LYS A 87 -16.22 1.39 -16.37
C LYS A 87 -15.57 0.06 -16.76
N LEU A 88 -14.26 -0.07 -16.49
CA LEU A 88 -13.46 -1.21 -16.95
C LEU A 88 -13.34 -2.37 -15.94
N ALA A 89 -13.38 -2.06 -14.64
CA ALA A 89 -13.11 -3.06 -13.60
C ALA A 89 -14.27 -3.25 -12.63
N ASP A 90 -14.27 -4.40 -11.98
CA ASP A 90 -15.28 -4.76 -10.98
C ASP A 90 -14.85 -4.32 -9.57
N CYS A 91 -13.55 -4.42 -9.25
CA CYS A 91 -12.96 -3.89 -8.02
C CYS A 91 -11.78 -3.00 -8.32
N ILE A 92 -11.54 -2.00 -7.46
CA ILE A 92 -10.46 -1.04 -7.68
C ILE A 92 -9.58 -0.91 -6.44
N VAL A 93 -8.26 -0.86 -6.67
CA VAL A 93 -7.27 -0.59 -5.64
C VAL A 93 -6.39 0.56 -6.08
N ILE A 94 -6.11 1.50 -5.17
CA ILE A 94 -5.19 2.61 -5.41
C ILE A 94 -3.87 2.22 -4.76
N GLY A 95 -2.82 2.11 -5.57
CA GLY A 95 -1.54 1.55 -5.12
C GLY A 95 -0.68 2.49 -4.30
N SER A 96 -1.33 3.33 -3.50
CA SER A 96 -0.65 4.23 -2.59
C SER A 96 -1.57 4.44 -1.39
N CYS A 97 -1.03 4.27 -0.18
CA CYS A 97 -1.77 4.59 1.02
C CYS A 97 -1.99 6.09 1.13
N THR A 98 -0.92 6.89 1.08
CA THR A 98 -1.03 8.36 1.12
C THR A 98 -2.15 8.88 0.21
N ALA A 99 -2.20 8.37 -1.03
CA ALA A 99 -3.21 8.77 -2.04
C ALA A 99 -4.66 8.64 -1.59
N HIS A 100 -4.92 7.79 -0.59
CA HIS A 100 -6.26 7.66 -0.01
C HIS A 100 -6.77 8.95 0.65
N TYR A 101 -5.88 9.88 0.99
CA TYR A 101 -6.28 11.19 1.52
C TYR A 101 -7.27 11.92 0.61
N ALA A 102 -7.20 11.67 -0.70
CA ALA A 102 -8.08 12.28 -1.69
C ALA A 102 -9.54 11.84 -1.63
N LEU A 103 -9.82 10.71 -0.97
CA LEU A 103 -11.13 10.06 -1.07
C LEU A 103 -12.34 10.82 -0.52
N PRO A 104 -12.19 11.55 0.59
CA PRO A 104 -13.32 12.38 1.05
C PRO A 104 -13.87 13.39 0.02
N GLN A 105 -13.00 13.87 -0.88
CA GLN A 105 -13.36 14.82 -1.94
C GLN A 105 -13.96 14.17 -3.21
N ILE A 106 -13.68 12.87 -3.42
CA ILE A 106 -14.20 12.14 -4.58
C ILE A 106 -15.65 11.75 -4.27
N PRO A 107 -16.56 11.88 -5.27
CA PRO A 107 -17.95 11.43 -5.10
C PRO A 107 -18.12 9.96 -4.73
N GLU A 108 -19.14 9.66 -3.92
CA GLU A 108 -19.39 8.30 -3.40
C GLU A 108 -19.60 7.22 -4.47
N ASN A 109 -20.19 7.62 -5.60
CA ASN A 109 -20.45 6.70 -6.72
C ASN A 109 -19.18 6.09 -7.36
N LEU A 110 -18.10 6.87 -7.42
CA LEU A 110 -16.80 6.40 -7.92
C LEU A 110 -15.99 5.54 -6.94
N LYS A 111 -16.48 5.36 -5.71
CA LYS A 111 -15.79 4.59 -4.68
C LYS A 111 -16.50 3.31 -4.27
N ASP A 112 -17.59 2.95 -4.94
CA ASP A 112 -18.35 1.72 -4.63
C ASP A 112 -17.50 0.45 -4.75
N LYS A 113 -16.68 0.40 -5.80
CA LYS A 113 -15.84 -0.75 -6.11
C LYS A 113 -14.47 -0.70 -5.43
N LEU A 114 -14.19 0.38 -4.70
CA LEU A 114 -12.87 0.60 -4.11
C LEU A 114 -12.60 -0.34 -2.92
N ILE A 115 -11.45 -1.01 -2.95
CA ILE A 115 -10.93 -1.75 -1.82
C ILE A 115 -9.86 -0.89 -1.14
N SER A 116 -10.14 -0.38 0.06
CA SER A 116 -9.20 0.51 0.76
C SER A 116 -8.02 -0.23 1.39
N LEU A 117 -6.82 0.18 1.02
CA LEU A 117 -5.59 -0.28 1.68
C LEU A 117 -5.59 -0.06 3.19
N ILE A 118 -6.20 1.05 3.64
CA ILE A 118 -6.33 1.34 5.08
C ILE A 118 -7.21 0.26 5.73
N LYS A 119 -8.35 -0.06 5.12
CA LYS A 119 -9.26 -1.09 5.66
C LYS A 119 -8.66 -2.49 5.65
N ILE A 120 -7.99 -2.84 4.57
CA ILE A 120 -7.33 -4.14 4.46
C ILE A 120 -6.28 -4.30 5.57
N ALA A 121 -5.53 -3.23 5.83
CA ALA A 121 -4.57 -3.21 6.94
C ALA A 121 -5.26 -3.42 8.28
N ASP A 122 -6.33 -2.67 8.49
CA ASP A 122 -7.12 -2.73 9.71
C ASP A 122 -7.64 -4.15 10.00
N GLN A 123 -8.18 -4.80 8.98
CA GLN A 123 -8.62 -6.20 9.10
C GLN A 123 -7.52 -7.16 9.56
N GLU A 124 -6.36 -7.09 8.92
CA GLU A 124 -5.21 -7.94 9.28
C GLU A 124 -4.70 -7.65 10.68
N LEU A 125 -4.67 -6.37 11.06
CA LEU A 125 -4.23 -5.97 12.41
C LEU A 125 -5.19 -6.43 13.49
N GLN A 126 -6.49 -6.47 13.18
CA GLN A 126 -7.48 -7.00 14.11
C GLN A 126 -7.22 -8.48 14.41
N GLU A 127 -6.96 -9.28 13.37
CA GLU A 127 -6.59 -10.68 13.54
C GLU A 127 -5.26 -10.87 14.29
N TYR A 128 -4.27 -10.05 13.98
CA TYR A 128 -2.95 -10.18 14.59
C TYR A 128 -2.95 -9.76 16.05
N ASN A 129 -3.58 -8.61 16.34
CA ASN A 129 -3.88 -8.20 17.72
C ASN A 129 -2.67 -8.01 18.65
N GLU A 130 -1.57 -7.48 18.11
CA GLU A 130 -0.41 -7.03 18.90
C GLU A 130 -0.01 -5.64 18.43
N PRO A 131 0.71 -4.87 19.28
CA PRO A 131 1.14 -3.56 18.80
C PRO A 131 2.08 -3.66 17.61
N THR A 132 1.93 -2.73 16.67
CA THR A 132 2.59 -2.78 15.37
C THR A 132 3.03 -1.39 14.93
N LEU A 133 4.23 -1.31 14.35
CA LEU A 133 4.84 -0.04 13.94
C LEU A 133 4.40 0.41 12.55
N LEU A 134 3.75 1.59 12.48
CA LEU A 134 3.33 2.14 11.20
C LEU A 134 4.50 2.80 10.46
N LEU A 135 4.94 2.16 9.39
CA LEU A 135 5.99 2.72 8.53
C LEU A 135 5.34 3.54 7.40
N ALA A 136 5.65 4.84 7.39
CA ALA A 136 5.13 5.87 6.45
C ALA A 136 6.11 7.05 6.70
N SER A 137 6.43 8.00 5.80
CA SER A 137 5.58 8.85 4.93
C SER A 137 4.96 9.93 5.82
N THR A 138 5.62 11.08 5.93
CA THR A 138 5.07 12.25 6.67
C THR A 138 3.70 12.66 6.17
N GLY A 139 3.50 12.61 4.85
CA GLY A 139 2.19 12.90 4.27
C GLY A 139 1.07 12.01 4.79
N THR A 140 1.36 10.71 4.90
CA THR A 140 0.41 9.73 5.44
C THR A 140 0.16 10.00 6.91
N TYR A 141 1.22 10.35 7.63
CA TYR A 141 1.13 10.68 9.06
C TYR A 141 0.36 11.97 9.28
N GLN A 142 0.71 13.02 8.54
CA GLN A 142 0.00 14.30 8.61
C GLN A 142 -1.49 14.18 8.34
N LYS A 143 -1.85 13.34 7.38
CA LYS A 143 -3.26 13.10 7.07
C LYS A 143 -3.95 12.13 8.03
N LYS A 144 -3.17 11.39 8.83
CA LYS A 144 -3.70 10.55 9.91
C LYS A 144 -4.63 9.45 9.39
N LEU A 145 -4.32 8.94 8.20
CA LEU A 145 -5.18 8.00 7.51
C LEU A 145 -5.43 6.73 8.33
N PHE A 146 -4.38 6.25 8.99
CA PHE A 146 -4.47 5.02 9.76
C PHE A 146 -5.12 5.23 11.13
N GLN A 147 -4.71 6.30 11.82
CA GLN A 147 -5.29 6.67 13.10
C GLN A 147 -6.78 7.00 12.98
N GLU A 148 -7.17 7.70 11.92
CA GLU A 148 -8.59 8.01 11.65
C GLU A 148 -9.38 6.88 10.96
N GLY A 149 -8.68 5.98 10.26
CA GLY A 149 -9.33 4.92 9.47
C GLY A 149 -9.53 3.59 10.20
N CYS A 150 -8.60 3.23 11.08
CA CYS A 150 -8.56 1.89 11.67
C CYS A 150 -9.36 1.74 12.97
N THR A 151 -10.22 0.73 13.04
CA THR A 151 -10.83 0.30 14.30
C THR A 151 -9.76 -0.12 15.31
N THR A 152 -8.64 -0.62 14.79
CA THR A 152 -7.50 -1.07 15.59
C THR A 152 -6.46 0.03 15.86
N ALA A 153 -6.84 1.30 15.76
CA ALA A 153 -5.87 2.42 15.94
C ALA A 153 -5.03 2.36 17.22
N ASP A 154 -5.60 1.83 18.31
CA ASP A 154 -4.87 1.73 19.58
C ASP A 154 -3.76 0.67 19.58
N LEU A 155 -3.76 -0.24 18.59
CA LEU A 155 -2.65 -1.16 18.34
C LEU A 155 -1.56 -0.61 17.39
N ILE A 156 -1.75 0.58 16.85
CA ILE A 156 -0.78 1.18 15.95
C ILE A 156 0.21 2.03 16.74
N ILE A 157 1.48 1.65 16.72
CA ILE A 157 2.55 2.47 17.28
C ILE A 157 2.97 3.49 16.22
N SER A 158 2.95 4.76 16.58
CA SER A 158 3.33 5.84 15.67
C SER A 158 4.80 6.14 15.82
N LEU A 159 5.50 6.21 14.69
CA LEU A 159 6.86 6.71 14.66
C LEU A 159 6.87 8.16 15.14
N SER A 160 7.98 8.54 15.78
CA SER A 160 8.28 9.93 16.07
C SER A 160 8.53 10.66 14.75
N GLU A 161 8.44 11.99 14.80
CA GLU A 161 8.74 12.82 13.62
C GLU A 161 10.12 12.57 13.02
N SER A 162 11.14 12.31 13.84
CA SER A 162 12.50 12.02 13.33
C SER A 162 12.55 10.73 12.52
N ASP A 163 11.97 9.68 13.08
CA ASP A 163 11.97 8.38 12.44
C ASP A 163 11.06 8.36 11.21
N GLN A 164 10.04 9.22 11.17
CA GLN A 164 9.24 9.42 9.96
C GLN A 164 10.09 9.91 8.79
N LYS A 165 10.98 10.86 9.07
CA LYS A 165 11.91 11.37 8.06
C LYS A 165 12.92 10.32 7.63
N LEU A 166 13.39 9.47 8.54
CA LEU A 166 14.27 8.35 8.16
C LEU A 166 13.58 7.34 7.24
N ILE A 167 12.30 7.07 7.54
CA ILE A 167 11.47 6.19 6.71
C ILE A 167 11.23 6.80 5.32
N HIS A 168 11.03 8.12 5.28
CA HIS A 168 10.90 8.84 4.02
C HIS A 168 12.17 8.71 3.19
N GLU A 169 13.33 8.81 3.84
CA GLU A 169 14.62 8.63 3.16
C GLU A 169 14.74 7.22 2.59
N MET A 170 14.39 6.19 3.36
CA MET A 170 14.41 4.80 2.86
C MET A 170 13.52 4.61 1.64
N ILE A 171 12.30 5.15 1.72
CA ILE A 171 11.34 5.00 0.65
C ILE A 171 11.93 5.60 -0.64
N TYR A 172 12.29 6.88 -0.59
CA TYR A 172 12.69 7.62 -1.79
C TYR A 172 14.11 7.30 -2.26
N LYS A 173 15.06 7.16 -1.35
CA LYS A 173 16.46 6.93 -1.74
C LYS A 173 16.76 5.48 -2.13
N VAL A 174 15.98 4.54 -1.60
CA VAL A 174 16.24 3.11 -1.80
C VAL A 174 15.10 2.39 -2.53
N LEU A 175 13.89 2.45 -1.98
CA LEU A 175 12.80 1.58 -2.44
C LEU A 175 12.22 2.01 -3.78
N LYS A 176 11.88 3.29 -3.94
CA LYS A 176 11.33 3.81 -5.19
C LYS A 176 12.33 3.73 -6.36
N ARG A 177 13.63 3.68 -6.04
CA ARG A 177 14.70 3.60 -7.04
C ARG A 177 15.03 2.18 -7.48
N GLY A 178 14.30 1.19 -6.99
CA GLY A 178 14.50 -0.20 -7.40
C GLY A 178 15.67 -0.91 -6.77
N HIS A 179 16.29 -0.31 -5.76
CA HIS A 179 17.44 -0.92 -5.08
C HIS A 179 16.99 -2.03 -4.13
N ASP A 180 17.94 -2.87 -3.75
CA ASP A 180 17.66 -4.07 -2.95
C ASP A 180 16.97 -3.68 -1.64
N PRO A 181 15.69 -4.07 -1.46
CA PRO A 181 14.99 -3.75 -0.21
C PRO A 181 15.65 -4.30 1.06
N LEU A 182 16.43 -5.37 0.95
CA LEU A 182 17.16 -5.92 2.09
C LEU A 182 18.25 -4.99 2.62
N SER A 183 18.71 -4.05 1.80
CA SER A 183 19.67 -3.03 2.25
C SER A 183 19.17 -2.13 3.39
N ILE A 184 17.84 -1.98 3.55
CA ILE A 184 17.27 -1.24 4.68
C ILE A 184 16.82 -2.11 5.86
N LEU A 185 16.97 -3.43 5.77
CA LEU A 185 16.48 -4.35 6.80
C LEU A 185 17.08 -4.12 8.19
N ARG A 186 18.37 -3.77 8.24
CA ARG A 186 19.05 -3.51 9.52
C ARG A 186 18.43 -2.29 10.20
N ASP A 187 18.26 -1.21 9.44
CA ASP A 187 17.60 0.00 9.94
C ASP A 187 16.16 -0.27 10.39
N ILE A 188 15.44 -1.15 9.69
CA ILE A 188 14.08 -1.50 10.05
C ILE A 188 14.05 -2.35 11.34
N GLU A 189 14.96 -3.32 11.45
CA GLU A 189 15.08 -4.12 12.67
C GLU A 189 15.38 -3.27 13.90
N ALA A 190 16.25 -2.27 13.75
CA ALA A 190 16.59 -1.34 14.82
C ALA A 190 15.38 -0.51 15.26
N LEU A 191 14.58 -0.05 14.30
CA LEU A 191 13.32 0.65 14.59
C LEU A 191 12.34 -0.25 15.33
N LEU A 192 12.14 -1.45 14.79
CA LEU A 192 11.28 -2.46 15.44
C LEU A 192 11.70 -2.72 16.88
N GLU A 193 13.01 -2.83 17.12
CA GLU A 193 13.52 -3.01 18.48
C GLU A 193 13.31 -1.77 19.34
N LYS A 194 13.59 -0.60 18.79
CA LYS A 194 13.41 0.67 19.48
C LYS A 194 11.98 0.89 19.96
N TYR A 195 11.01 0.56 19.11
CA TYR A 195 9.59 0.72 19.43
C TYR A 195 8.97 -0.53 20.06
N ASN A 196 9.80 -1.56 20.28
CA ASN A 196 9.45 -2.74 21.08
C ASN A 196 8.29 -3.55 20.46
N THR A 197 8.54 -4.03 19.25
CA THR A 197 7.53 -4.76 18.48
C THR A 197 8.20 -5.66 17.43
N ARG A 198 7.46 -6.68 17.01
CA ARG A 198 7.93 -7.65 16.02
C ARG A 198 7.19 -7.50 14.70
N SER A 199 6.41 -6.42 14.56
CA SER A 199 5.59 -6.24 13.39
C SER A 199 5.58 -4.80 12.89
N TYR A 200 5.34 -4.67 11.60
CA TYR A 200 5.12 -3.37 10.98
C TYR A 200 3.89 -3.41 10.09
N ILE A 201 3.30 -2.22 9.92
CA ILE A 201 2.32 -1.97 8.88
C ILE A 201 3.05 -1.29 7.75
N SER A 202 2.79 -1.73 6.51
CA SER A 202 3.22 -1.00 5.32
C SER A 202 2.31 0.23 5.11
N GLY A 203 2.58 1.29 5.86
CA GLY A 203 1.85 2.56 5.68
C GLY A 203 2.20 3.24 4.37
N SER A 204 3.40 2.97 3.88
CA SER A 204 3.78 3.23 2.49
C SER A 204 3.69 1.92 1.73
N THR A 205 3.14 1.96 0.51
CA THR A 205 3.06 0.75 -0.33
C THR A 205 4.43 0.23 -0.75
N GLU A 206 5.44 1.10 -0.79
CA GLU A 206 6.80 0.64 -1.10
C GLU A 206 7.33 -0.40 -0.11
N PHE A 207 6.72 -0.54 1.07
CA PHE A 207 7.07 -1.66 1.97
C PHE A 207 6.52 -3.01 1.56
N HIS A 208 5.66 -3.06 0.54
CA HIS A 208 5.39 -4.30 -0.18
C HIS A 208 6.71 -4.92 -0.69
N LEU A 209 7.62 -4.07 -1.15
CA LEU A 209 8.92 -4.51 -1.67
C LEU A 209 9.79 -5.14 -0.58
N LEU A 210 9.80 -4.56 0.62
CA LEU A 210 10.51 -5.16 1.76
C LEU A 210 9.85 -6.48 2.14
N THR A 211 8.53 -6.47 2.25
CA THR A 211 7.77 -7.66 2.67
C THR A 211 8.05 -8.88 1.79
N LYS A 212 8.09 -8.66 0.48
CA LYS A 212 8.45 -9.70 -0.49
C LYS A 212 9.86 -10.25 -0.29
N SER A 213 10.83 -9.36 -0.12
CA SER A 213 12.22 -9.75 0.14
C SER A 213 12.38 -10.54 1.45
N LEU A 214 11.61 -10.21 2.48
CA LEU A 214 11.61 -10.99 3.73
C LEU A 214 11.03 -12.39 3.55
N LYS A 215 9.96 -12.49 2.76
CA LYS A 215 9.30 -13.78 2.49
C LYS A 215 10.18 -14.66 1.58
N LEU A 216 10.89 -14.02 0.66
CA LEU A 216 11.83 -14.70 -0.24
C LEU A 216 13.02 -15.29 0.51
N LYS A 217 13.59 -14.54 1.46
CA LYS A 217 14.71 -15.04 2.26
C LYS A 217 14.29 -15.89 3.47
N GLY A 218 12.99 -16.13 3.65
CA GLY A 218 12.49 -16.97 4.73
C GLY A 218 12.61 -16.36 6.10
N ILE A 219 12.70 -15.03 6.17
CA ILE A 219 12.85 -14.30 7.44
C ILE A 219 11.43 -14.11 7.98
N ASP A 220 11.08 -14.94 8.97
CA ASP A 220 9.72 -14.96 9.53
C ASP A 220 9.65 -14.41 10.96
N SER A 221 10.73 -13.78 11.43
CA SER A 221 10.77 -13.11 12.74
C SER A 221 9.92 -11.82 12.77
N ILE A 222 9.76 -11.19 11.60
CA ILE A 222 9.00 -9.96 11.45
C ILE A 222 7.62 -10.26 10.85
N LYS A 223 6.57 -9.75 11.49
CA LYS A 223 5.20 -9.87 10.99
C LYS A 223 4.86 -8.62 10.16
N ALA A 224 4.61 -8.80 8.87
CA ALA A 224 4.36 -7.70 7.96
C ALA A 224 2.86 -7.59 7.69
N ILE A 225 2.23 -6.54 8.21
CA ILE A 225 0.87 -6.22 7.80
C ILE A 225 0.98 -5.37 6.54
N ASP A 226 0.89 -6.07 5.42
CA ASP A 226 1.18 -5.52 4.10
C ASP A 226 -0.06 -5.68 3.22
N PRO A 227 -0.83 -4.60 3.02
CA PRO A 227 -2.07 -4.72 2.27
C PRO A 227 -1.97 -5.30 0.85
N LEU A 228 -0.94 -4.93 0.10
CA LEU A 228 -0.79 -5.45 -1.26
C LEU A 228 -0.55 -6.97 -1.27
N SER A 229 0.25 -7.47 -0.32
CA SER A 229 0.43 -8.94 -0.18
C SER A 229 -0.91 -9.61 0.07
N THR A 230 -1.64 -9.12 1.07
CA THR A 230 -2.97 -9.61 1.41
C THR A 230 -3.91 -9.61 0.22
N ILE A 231 -3.97 -8.51 -0.53
CA ILE A 231 -4.85 -8.43 -1.72
C ILE A 231 -4.46 -9.48 -2.76
N ALA A 232 -3.17 -9.60 -3.04
CA ALA A 232 -2.67 -10.62 -3.95
C ALA A 232 -3.06 -12.02 -3.48
N GLN A 233 -2.77 -12.34 -2.23
CA GLN A 233 -3.09 -13.67 -1.66
C GLN A 233 -4.58 -14.01 -1.69
N ASN A 234 -5.42 -13.03 -1.40
CA ASN A 234 -6.86 -13.22 -1.29
C ASN A 234 -7.60 -12.69 -2.51
N PHE A 235 -6.97 -12.74 -3.68
CA PHE A 235 -7.56 -12.17 -4.90
C PHE A 235 -8.91 -12.79 -5.21
N SER A 236 -8.98 -14.12 -5.21
CA SER A 236 -10.23 -14.83 -5.58
C SER A 236 -11.38 -14.53 -4.61
N GLN A 237 -11.07 -14.47 -3.31
CA GLN A 237 -12.05 -14.07 -2.30
C GLN A 237 -12.52 -12.62 -2.44
N LEU A 238 -11.58 -11.69 -2.66
CA LEU A 238 -11.86 -10.25 -2.62
C LEU A 238 -12.43 -9.66 -3.91
N ILE A 239 -11.97 -10.15 -5.06
CA ILE A 239 -12.32 -9.53 -6.34
C ILE A 239 -13.60 -10.16 -6.88
N ILE A 240 -14.71 -9.44 -6.68
CA ILE A 240 -16.07 -9.88 -7.07
C ILE A 240 -16.72 -8.79 -7.91
N ASP B . 3.59 4.67 -2.21
CA ASP B . 3.65 5.55 -0.97
C ASP B . 2.39 5.44 -0.11
O ASP B . 1.53 4.57 -0.31
CB ASP B . 3.99 7.01 -1.33
CG ASP B . 3.37 7.44 -2.64
OD1 ASP B . 2.13 7.47 -2.73
OD2 ASP B . 4.14 7.74 -3.57
OXT ASP B . 2.20 6.17 0.85
#